data_1G3M
#
_entry.id   1G3M
#
_cell.length_a   62.687
_cell.length_b   96.894
_cell.length_c   61.724
_cell.angle_alpha   90.00
_cell.angle_beta   92.58
_cell.angle_gamma   90.00
#
_symmetry.space_group_name_H-M   'P 1 21 1'
#
loop_
_entity.id
_entity.type
_entity.pdbx_description
1 polymer 'ESTROGEN SULFOTRANSFERASE'
2 non-polymer "ADENOSINE-3'-5'-DIPHOSPHATE"
3 non-polymer "3,5,3',5'-TETRACHLORO-BIPHENYL-4,4'-DIOL"
4 non-polymer 1,2-ETHANEDIOL
5 water water
#
_entity_poly.entity_id   1
_entity_poly.type   'polypeptide(L)'
_entity_poly.pdbx_seq_one_letter_code
;MNSELDYYEKFEEVHGILMYKDFVKYWDNVEAFQARPDDLVIATYPKSGTTWVSEIVYMIYKEGDVEKCKEDVIFNRIPF
LECRKENLMNGVKQLDEMNSPRIVKTHLPPELLPASFWEKDCKIIYLCRNAKDVAVSFYYFFLMVAGHPNPGSFPEFVEK
FMQGQVPYGSWYKHVKSWWEKGKSPRVLFLFYEDLKEDIRKEVIKLIHFLERKPSEELVDRIIHHTSFQEMKNNPSTNYT
TLPDEIMNQKLSPFMRKGITGDWKNHFTVALNEKFDKHYEQQMKESTLKFRTEI
;
_entity_poly.pdbx_strand_id   A,B
#
loop_
_chem_comp.id
_chem_comp.type
_chem_comp.name
_chem_comp.formula
A3P RNA linking ADENOSINE-3'-5'-DIPHOSPHATE 'C10 H15 N5 O10 P2'
EDO non-polymer 1,2-ETHANEDIOL 'C2 H6 O2'
PCQ non-polymer 3,5,3',5'-TETRACHLORO-BIPHENYL-4,4'-DIOL 'C12 H6 Cl4 O2'
#
# COMPACT_ATOMS: atom_id res chain seq x y z
N SER A 3 -9.96 6.84 17.99
CA SER A 3 -8.50 6.94 17.72
C SER A 3 -7.87 8.14 18.43
N GLU A 4 -8.42 9.32 18.21
CA GLU A 4 -7.91 10.52 18.85
C GLU A 4 -8.03 10.39 20.36
N LEU A 5 -9.06 9.66 20.81
CA LEU A 5 -9.26 9.45 22.23
C LEU A 5 -8.16 8.51 22.72
N ASP A 6 -7.83 7.51 21.91
CA ASP A 6 -6.80 6.54 22.24
C ASP A 6 -5.48 7.29 22.45
N TYR A 7 -5.14 8.17 21.51
CA TYR A 7 -3.91 8.95 21.61
C TYR A 7 -3.94 9.84 22.85
N TYR A 8 -5.11 10.39 23.15
CA TYR A 8 -5.26 11.26 24.31
C TYR A 8 -4.98 10.48 25.60
N GLU A 9 -5.41 9.23 25.64
CA GLU A 9 -5.19 8.40 26.82
C GLU A 9 -3.75 7.94 26.96
N LYS A 10 -3.10 7.66 25.83
CA LYS A 10 -1.73 7.15 25.84
C LYS A 10 -0.61 8.18 25.91
N PHE A 11 -0.77 9.31 25.22
CA PHE A 11 0.27 10.32 25.18
C PHE A 11 -0.09 11.65 25.80
N GLU A 12 0.95 12.40 26.16
CA GLU A 12 0.82 13.69 26.81
C GLU A 12 2.09 14.48 26.49
N GLU A 13 2.00 15.80 26.48
CA GLU A 13 3.17 16.60 26.16
C GLU A 13 4.03 17.01 27.36
N VAL A 14 5.32 17.17 27.10
CA VAL A 14 6.27 17.62 28.10
C VAL A 14 7.20 18.54 27.32
N HIS A 15 7.32 19.79 27.77
CA HIS A 15 8.14 20.77 27.09
C HIS A 15 7.68 20.90 25.63
N GLY A 16 6.37 20.70 25.42
CA GLY A 16 5.81 20.82 24.08
C GLY A 16 5.99 19.63 23.15
N ILE A 17 6.60 18.57 23.65
CA ILE A 17 6.84 17.37 22.86
C ILE A 17 5.95 16.22 23.30
N LEU A 18 5.20 15.63 22.37
CA LEU A 18 4.32 14.50 22.70
C LEU A 18 5.18 13.39 23.31
N MET A 19 4.66 12.74 24.34
CA MET A 19 5.42 11.73 25.05
C MET A 19 4.56 10.64 25.69
N TYR A 20 5.18 9.49 25.96
CA TYR A 20 4.48 8.40 26.62
C TYR A 20 4.07 8.94 27.98
N LYS A 21 2.78 8.82 28.29
CA LYS A 21 2.26 9.36 29.55
C LYS A 21 3.01 8.88 30.80
N ASP A 22 3.38 7.60 30.83
CA ASP A 22 4.11 7.05 31.96
C ASP A 22 5.43 7.78 32.22
N PHE A 23 6.10 8.20 31.16
CA PHE A 23 7.38 8.90 31.30
C PHE A 23 7.16 10.31 31.89
N VAL A 24 6.14 11.00 31.39
CA VAL A 24 5.85 12.36 31.82
C VAL A 24 5.53 12.51 33.31
N LYS A 25 4.88 11.51 33.88
CA LYS A 25 4.49 11.57 35.29
C LYS A 25 5.66 11.87 36.22
N TYR A 26 6.83 11.29 35.91
CA TYR A 26 8.01 11.50 36.74
C TYR A 26 9.12 12.23 35.99
N TRP A 27 8.74 13.12 35.08
CA TRP A 27 9.75 13.84 34.31
C TRP A 27 10.72 14.67 35.14
N ASP A 28 10.33 15.04 36.37
CA ASP A 28 11.24 15.82 37.19
C ASP A 28 12.54 15.07 37.42
N ASN A 29 12.45 13.74 37.50
CA ASN A 29 13.63 12.90 37.69
C ASN A 29 14.56 13.00 36.49
N VAL A 30 13.99 13.17 35.31
CA VAL A 30 14.78 13.29 34.09
C VAL A 30 15.38 14.69 34.02
N GLU A 31 14.55 15.69 34.28
CA GLU A 31 14.95 17.09 34.26
C GLU A 31 16.20 17.31 35.12
N ALA A 32 16.20 16.75 36.32
CA ALA A 32 17.31 16.92 37.25
C ALA A 32 18.36 15.82 37.23
N PHE A 33 18.34 14.98 36.21
CA PHE A 33 19.31 13.90 36.12
C PHE A 33 20.73 14.43 36.19
N GLN A 34 21.57 13.76 36.97
CA GLN A 34 22.96 14.16 37.13
C GLN A 34 23.89 13.32 36.25
N ALA A 35 24.46 13.96 35.23
CA ALA A 35 25.38 13.28 34.35
C ALA A 35 26.76 13.23 34.98
N ARG A 36 27.66 12.48 34.34
CA ARG A 36 29.04 12.37 34.78
C ARG A 36 29.84 12.70 33.53
N PRO A 37 31.00 13.35 33.69
CA PRO A 37 31.83 13.74 32.54
C PRO A 37 32.09 12.65 31.51
N ASP A 38 32.27 11.41 31.94
CA ASP A 38 32.55 10.33 31.00
C ASP A 38 31.31 9.62 30.45
N ASP A 39 30.12 10.13 30.76
CA ASP A 39 28.88 9.56 30.25
C ASP A 39 28.90 9.70 28.73
N LEU A 40 28.38 8.69 28.04
CA LEU A 40 28.29 8.73 26.59
C LEU A 40 26.81 8.60 26.26
N VAL A 41 26.26 9.59 25.56
CA VAL A 41 24.86 9.57 25.20
C VAL A 41 24.63 9.06 23.78
N ILE A 42 23.69 8.14 23.62
CA ILE A 42 23.34 7.64 22.31
C ILE A 42 21.91 8.14 22.12
N ALA A 43 21.75 9.10 21.22
CA ALA A 43 20.46 9.71 20.95
C ALA A 43 19.96 9.36 19.56
N THR A 44 18.66 9.10 19.47
CA THR A 44 18.00 8.75 18.21
C THR A 44 16.51 9.04 18.27
N TYR A 45 15.93 9.23 17.11
CA TYR A 45 14.48 9.38 17.03
C TYR A 45 14.13 7.90 17.09
N PRO A 46 12.97 7.55 17.66
CA PRO A 46 12.60 6.14 17.74
C PRO A 46 12.70 5.34 16.43
N LYS A 47 13.14 4.09 16.54
CA LYS A 47 13.24 3.15 15.43
C LYS A 47 14.24 3.51 14.32
N SER A 48 15.32 4.18 14.69
CA SER A 48 16.35 4.59 13.74
C SER A 48 17.60 3.73 13.81
N GLY A 49 17.54 2.65 14.61
CA GLY A 49 18.68 1.77 14.72
C GLY A 49 19.43 1.93 16.04
N THR A 50 18.74 2.44 17.06
CA THR A 50 19.32 2.65 18.39
C THR A 50 20.02 1.39 18.92
N THR A 51 19.31 0.27 18.87
CA THR A 51 19.84 -0.98 19.38
C THR A 51 21.11 -1.41 18.65
N TRP A 52 21.14 -1.19 17.34
CA TRP A 52 22.30 -1.55 16.52
C TRP A 52 23.54 -0.79 16.96
N VAL A 53 23.48 0.54 16.96
CA VAL A 53 24.64 1.33 17.35
C VAL A 53 24.98 1.11 18.82
N SER A 54 23.98 0.88 19.65
CA SER A 54 24.23 0.65 21.07
C SER A 54 25.13 -0.57 21.26
N GLU A 55 24.84 -1.66 20.56
CA GLU A 55 25.64 -2.87 20.70
C GLU A 55 27.04 -2.67 20.11
N ILE A 56 27.16 -1.87 19.06
CA ILE A 56 28.46 -1.58 18.46
C ILE A 56 29.30 -0.84 19.51
N VAL A 57 28.69 0.18 20.11
CA VAL A 57 29.36 0.97 21.12
C VAL A 57 29.75 0.12 22.33
N TYR A 58 28.82 -0.73 22.77
CA TYR A 58 29.11 -1.58 23.92
C TYR A 58 30.30 -2.49 23.63
N MET A 59 30.34 -3.05 22.43
CA MET A 59 31.46 -3.91 22.03
C MET A 59 32.76 -3.10 22.07
N ILE A 60 32.73 -1.89 21.57
CA ILE A 60 33.93 -1.04 21.58
C ILE A 60 34.37 -0.81 23.03
N TYR A 61 33.42 -0.61 23.93
CA TYR A 61 33.75 -0.38 25.34
C TYR A 61 34.38 -1.64 25.95
N LYS A 62 33.94 -2.80 25.50
CA LYS A 62 34.45 -4.07 26.02
C LYS A 62 35.56 -4.69 25.16
N GLU A 63 36.20 -3.86 24.33
CA GLU A 63 37.29 -4.35 23.48
C GLU A 63 36.83 -5.54 22.64
N GLY A 64 35.54 -5.58 22.32
CA GLY A 64 35.00 -6.65 21.51
C GLY A 64 34.75 -7.97 22.22
N ASP A 65 34.67 -7.96 23.55
CA ASP A 65 34.44 -9.19 24.29
C ASP A 65 32.94 -9.52 24.27
N VAL A 66 32.57 -10.47 23.41
CA VAL A 66 31.18 -10.88 23.27
C VAL A 66 30.58 -11.37 24.59
N GLU A 67 31.36 -12.09 25.37
CA GLU A 67 30.89 -12.60 26.65
C GLU A 67 30.46 -11.45 27.57
N LYS A 68 31.29 -10.43 27.65
CA LYS A 68 31.00 -9.27 28.49
C LYS A 68 29.78 -8.50 27.99
N CYS A 69 29.42 -8.71 26.74
CA CYS A 69 28.27 -8.02 26.16
C CYS A 69 26.94 -8.74 26.41
N LYS A 70 27.00 -9.95 26.93
CA LYS A 70 25.79 -10.72 27.21
C LYS A 70 25.57 -10.94 28.70
N GLU A 71 26.34 -10.23 29.53
CA GLU A 71 26.20 -10.34 30.97
C GLU A 71 24.80 -9.96 31.43
N ASP A 72 24.13 -9.16 30.61
CA ASP A 72 22.77 -8.73 30.92
C ASP A 72 22.16 -8.25 29.60
N VAL A 73 20.84 -8.11 29.56
CA VAL A 73 20.17 -7.67 28.35
C VAL A 73 20.55 -6.23 28.01
N ILE A 74 20.46 -5.86 26.74
CA ILE A 74 20.86 -4.52 26.32
C ILE A 74 20.14 -3.37 27.03
N PHE A 75 18.86 -3.52 27.34
CA PHE A 75 18.17 -2.42 28.01
C PHE A 75 18.54 -2.24 29.48
N ASN A 76 19.35 -3.17 30.01
CA ASN A 76 19.84 -3.06 31.37
C ASN A 76 21.29 -2.58 31.29
N ARG A 77 21.99 -3.04 30.25
CA ARG A 77 23.39 -2.66 30.03
C ARG A 77 23.49 -1.19 29.63
N ILE A 78 22.49 -0.74 28.88
CA ILE A 78 22.43 0.64 28.40
C ILE A 78 21.05 1.19 28.75
N PRO A 79 20.91 1.78 29.95
CA PRO A 79 19.63 2.33 30.40
C PRO A 79 19.00 3.37 29.47
N PHE A 80 17.68 3.27 29.36
CA PHE A 80 16.86 4.17 28.54
C PHE A 80 16.51 5.32 29.49
N LEU A 81 17.31 6.38 29.41
CA LEU A 81 17.20 7.56 30.27
C LEU A 81 15.83 7.98 30.79
N GLU A 82 14.97 8.43 29.90
CA GLU A 82 13.64 8.94 30.28
C GLU A 82 12.57 7.89 30.51
N CYS A 83 12.88 6.63 30.24
CA CYS A 83 11.90 5.56 30.41
C CYS A 83 11.51 5.33 31.86
N ARG A 84 10.20 5.32 32.12
CA ARG A 84 9.68 5.11 33.47
C ARG A 84 8.27 4.54 33.39
N LYS A 85 8.03 3.47 34.13
CA LYS A 85 6.71 2.83 34.19
C LYS A 85 6.49 2.52 35.67
N GLU A 86 6.22 3.55 36.45
CA GLU A 86 6.03 3.42 37.89
C GLU A 86 7.29 2.79 38.48
N ASN A 87 7.16 1.62 39.09
CA ASN A 87 8.31 0.94 39.66
C ASN A 87 8.65 -0.33 38.90
N LEU A 88 8.15 -0.42 37.67
CA LEU A 88 8.40 -1.58 36.82
C LEU A 88 9.64 -1.33 35.95
N MET A 89 9.82 -0.09 35.53
CA MET A 89 10.97 0.31 34.72
C MET A 89 11.38 1.71 35.15
N ASN A 90 12.69 1.93 35.29
CA ASN A 90 13.18 3.24 35.74
C ASN A 90 14.59 3.53 35.24
N GLY A 91 14.68 4.17 34.08
CA GLY A 91 15.97 4.49 33.50
C GLY A 91 16.88 5.33 34.38
N VAL A 92 16.33 6.36 35.01
CA VAL A 92 17.16 7.22 35.86
C VAL A 92 17.74 6.42 37.01
N LYS A 93 16.92 5.57 37.62
CA LYS A 93 17.37 4.74 38.72
C LYS A 93 18.49 3.81 38.27
N GLN A 94 18.30 3.19 37.10
CA GLN A 94 19.30 2.29 36.57
C GLN A 94 20.63 3.00 36.37
N LEU A 95 20.57 4.25 35.87
CA LEU A 95 21.77 5.04 35.63
C LEU A 95 22.41 5.50 36.93
N ASP A 96 21.60 5.96 37.88
CA ASP A 96 22.13 6.42 39.17
C ASP A 96 22.97 5.36 39.88
N GLU A 97 22.54 4.10 39.80
CA GLU A 97 23.25 3.01 40.47
C GLU A 97 24.35 2.40 39.62
N MET A 98 24.45 2.85 38.38
CA MET A 98 25.44 2.32 37.47
C MET A 98 26.84 2.91 37.62
N ASN A 99 27.84 2.03 37.67
CA ASN A 99 29.22 2.45 37.78
C ASN A 99 29.63 3.01 36.42
N SER A 100 30.46 4.06 36.44
CA SER A 100 30.94 4.64 35.20
C SER A 100 31.93 3.66 34.58
N PRO A 101 32.16 3.72 33.26
CA PRO A 101 31.55 4.68 32.32
C PRO A 101 30.15 4.23 31.87
N ARG A 102 29.20 5.16 31.95
CA ARG A 102 27.83 4.85 31.57
C ARG A 102 27.52 5.20 30.13
N ILE A 103 26.73 4.34 29.49
CA ILE A 103 26.28 4.57 28.11
C ILE A 103 24.78 4.81 28.29
N VAL A 104 24.32 5.98 27.88
CA VAL A 104 22.93 6.39 28.06
C VAL A 104 22.11 6.43 26.76
N LYS A 105 21.00 5.71 26.74
CA LYS A 105 20.14 5.73 25.56
C LYS A 105 19.04 6.76 25.78
N THR A 106 18.72 7.53 24.74
CA THR A 106 17.65 8.51 24.83
C THR A 106 17.11 8.79 23.44
N HIS A 107 15.86 9.23 23.35
CA HIS A 107 15.24 9.61 22.08
C HIS A 107 14.88 11.10 22.11
N LEU A 108 15.37 11.80 23.13
CA LEU A 108 15.05 13.21 23.29
C LEU A 108 15.66 14.17 22.29
N PRO A 109 14.89 15.18 21.86
CA PRO A 109 15.45 16.15 20.91
C PRO A 109 16.45 16.95 21.77
N PRO A 110 17.40 17.64 21.13
CA PRO A 110 18.40 18.42 21.88
C PRO A 110 17.83 19.32 22.98
N GLU A 111 16.75 20.02 22.65
CA GLU A 111 16.11 20.93 23.58
C GLU A 111 15.65 20.29 24.89
N LEU A 112 15.41 18.99 24.88
CA LEU A 112 14.93 18.31 26.08
C LEU A 112 15.97 17.46 26.81
N LEU A 113 17.18 17.36 26.28
CA LEU A 113 18.22 16.58 26.94
C LEU A 113 18.52 17.25 28.28
N PRO A 114 18.60 16.46 29.37
CA PRO A 114 18.89 17.04 30.69
C PRO A 114 20.13 17.95 30.65
N ALA A 115 19.96 19.17 31.17
CA ALA A 115 21.02 20.16 31.19
C ALA A 115 22.38 19.65 31.64
N SER A 116 22.38 18.73 32.60
CA SER A 116 23.63 18.19 33.12
C SER A 116 24.53 17.63 32.02
N PHE A 117 23.93 16.97 31.02
CA PHE A 117 24.71 16.40 29.94
C PHE A 117 25.46 17.48 29.16
N TRP A 118 24.81 18.62 28.94
CA TRP A 118 25.46 19.72 28.21
C TRP A 118 26.51 20.36 29.12
N GLU A 119 26.15 20.55 30.38
CA GLU A 119 27.06 21.16 31.36
C GLU A 119 28.35 20.37 31.54
N LYS A 120 28.25 19.05 31.51
CA LYS A 120 29.42 18.22 31.69
C LYS A 120 30.14 17.91 30.37
N ASP A 121 29.60 18.45 29.27
CA ASP A 121 30.17 18.30 27.94
C ASP A 121 30.33 16.84 27.50
N CYS A 122 29.36 16.01 27.83
CA CYS A 122 29.40 14.59 27.47
C CYS A 122 29.39 14.37 25.98
N LYS A 123 30.13 13.37 25.52
CA LYS A 123 30.14 13.04 24.10
C LYS A 123 28.75 12.48 23.79
N ILE A 124 28.29 12.73 22.57
CA ILE A 124 26.98 12.24 22.14
C ILE A 124 27.12 11.65 20.75
N ILE A 125 26.43 10.54 20.52
CA ILE A 125 26.40 9.92 19.21
C ILE A 125 24.94 10.00 18.82
N TYR A 126 24.65 10.63 17.69
CA TYR A 126 23.27 10.72 17.22
C TYR A 126 23.14 9.91 15.95
N LEU A 127 22.12 9.07 15.90
CA LEU A 127 21.89 8.24 14.73
C LEU A 127 20.52 8.54 14.15
N CYS A 128 20.45 8.71 12.84
CA CYS A 128 19.17 8.96 12.19
C CYS A 128 18.99 7.99 11.03
N ARG A 129 17.76 7.91 10.54
CA ARG A 129 17.40 6.99 9.46
C ARG A 129 16.39 7.74 8.60
N ASN A 130 16.26 7.38 7.33
CA ASN A 130 15.30 8.11 6.49
C ASN A 130 13.89 7.96 7.06
N ALA A 131 13.13 9.06 6.98
CA ALA A 131 11.79 9.13 7.53
C ALA A 131 10.82 8.03 7.12
N LYS A 132 10.83 7.66 5.84
CA LYS A 132 9.92 6.62 5.36
C LYS A 132 10.13 5.28 6.06
N ASP A 133 11.37 4.85 6.18
CA ASP A 133 11.65 3.58 6.85
C ASP A 133 11.38 3.69 8.35
N VAL A 134 11.61 4.87 8.92
CA VAL A 134 11.35 5.07 10.34
C VAL A 134 9.84 4.92 10.57
N ALA A 135 9.04 5.52 9.69
CA ALA A 135 7.58 5.43 9.81
C ALA A 135 7.11 3.98 9.79
N VAL A 136 7.65 3.17 8.88
CA VAL A 136 7.27 1.77 8.80
C VAL A 136 7.66 1.06 10.10
N SER A 137 8.90 1.23 10.52
CA SER A 137 9.36 0.58 11.75
C SER A 137 8.56 1.00 12.98
N PHE A 138 8.24 2.29 13.07
CA PHE A 138 7.48 2.82 14.21
C PHE A 138 6.05 2.28 14.20
N TYR A 139 5.48 2.11 13.01
CA TYR A 139 4.11 1.60 12.88
C TYR A 139 3.99 0.22 13.51
N TYR A 140 4.90 -0.68 13.14
CA TYR A 140 4.88 -2.02 13.70
C TYR A 140 5.17 -1.99 15.19
N PHE A 141 6.02 -1.05 15.60
CA PHE A 141 6.36 -0.91 17.01
C PHE A 141 5.06 -0.59 17.78
N PHE A 142 4.28 0.32 17.24
CA PHE A 142 3.00 0.69 17.86
C PHE A 142 2.12 -0.56 18.05
N LEU A 143 2.12 -1.44 17.06
CA LEU A 143 1.30 -2.65 17.12
C LEU A 143 1.78 -3.70 18.13
N MET A 144 3.10 -3.82 18.27
CA MET A 144 3.72 -4.81 19.16
C MET A 144 3.92 -4.40 20.60
N VAL A 145 4.18 -3.12 20.83
CA VAL A 145 4.48 -2.63 22.16
C VAL A 145 3.35 -2.02 22.97
N ALA A 146 3.21 -2.48 24.21
CA ALA A 146 2.17 -1.96 25.10
C ALA A 146 2.43 -0.48 25.38
N GLY A 147 1.36 0.26 25.63
CA GLY A 147 1.52 1.68 25.91
C GLY A 147 1.25 2.54 24.69
N HIS A 148 0.94 1.91 23.56
CA HIS A 148 0.64 2.65 22.34
C HIS A 148 -0.84 2.53 21.97
N PRO A 149 -1.37 3.56 21.31
CA PRO A 149 -2.78 3.49 20.91
C PRO A 149 -2.78 2.65 19.63
N ASN A 150 -3.96 2.24 19.19
CA ASN A 150 -4.07 1.48 17.96
C ASN A 150 -3.67 2.45 16.85
N PRO A 151 -2.61 2.12 16.08
CA PRO A 151 -2.17 3.02 15.00
C PRO A 151 -3.10 3.10 13.79
N GLY A 152 -4.07 2.21 13.73
CA GLY A 152 -5.00 2.20 12.61
C GLY A 152 -4.30 1.71 11.36
N SER A 153 -4.72 2.20 10.21
CA SER A 153 -4.11 1.79 8.94
C SER A 153 -2.78 2.50 8.80
N PHE A 154 -1.93 2.00 7.90
CA PHE A 154 -0.63 2.63 7.71
C PHE A 154 -0.79 4.08 7.24
N PRO A 155 -1.68 4.34 6.28
CA PRO A 155 -1.86 5.71 5.81
C PRO A 155 -2.27 6.66 6.95
N GLU A 156 -3.13 6.17 7.85
CA GLU A 156 -3.59 6.96 8.97
C GLU A 156 -2.42 7.27 9.90
N PHE A 157 -1.61 6.25 10.18
CA PHE A 157 -0.45 6.43 11.04
C PHE A 157 0.55 7.40 10.42
N VAL A 158 0.78 7.28 9.11
CA VAL A 158 1.72 8.18 8.43
C VAL A 158 1.27 9.63 8.50
N GLU A 159 -0.04 9.87 8.49
CA GLU A 159 -0.55 11.24 8.58
C GLU A 159 -0.14 11.81 9.93
N LYS A 160 -0.29 11.02 10.99
CA LYS A 160 0.09 11.50 12.31
C LYS A 160 1.60 11.68 12.37
N PHE A 161 2.34 10.79 11.71
CA PHE A 161 3.79 10.91 11.69
C PHE A 161 4.19 12.25 11.05
N MET A 162 3.58 12.55 9.90
CA MET A 162 3.89 13.79 9.21
C MET A 162 3.61 15.00 10.08
N GLN A 163 2.61 14.91 10.95
CA GLN A 163 2.26 16.04 11.83
C GLN A 163 3.05 16.03 13.14
N GLY A 164 3.88 15.02 13.33
CA GLY A 164 4.65 14.94 14.56
C GLY A 164 3.80 14.58 15.76
N GLN A 165 2.64 13.99 15.49
CA GLN A 165 1.73 13.58 16.55
C GLN A 165 1.99 12.13 16.99
N VAL A 166 3.24 11.85 17.34
CA VAL A 166 3.67 10.54 17.80
C VAL A 166 4.71 10.80 18.90
N PRO A 167 5.04 9.78 19.69
CA PRO A 167 6.01 9.96 20.77
C PRO A 167 7.31 10.59 20.26
N TYR A 168 7.78 11.59 20.99
CA TYR A 168 8.99 12.34 20.69
C TYR A 168 8.81 13.43 19.64
N GLY A 169 7.56 13.64 19.23
CA GLY A 169 7.25 14.69 18.27
C GLY A 169 7.71 14.52 16.84
N SER A 170 7.89 15.67 16.18
CA SER A 170 8.30 15.74 14.79
C SER A 170 9.68 15.14 14.49
N TRP A 171 9.70 14.14 13.62
CA TRP A 171 10.95 13.51 13.21
C TRP A 171 11.78 14.59 12.50
N TYR A 172 11.09 15.43 11.73
CA TYR A 172 11.75 16.49 10.97
C TYR A 172 12.50 17.47 11.86
N LYS A 173 11.85 17.95 12.91
CA LYS A 173 12.49 18.89 13.83
C LYS A 173 13.60 18.18 14.60
N HIS A 174 13.34 16.92 14.94
CA HIS A 174 14.30 16.10 15.70
C HIS A 174 15.63 15.99 14.96
N VAL A 175 15.60 15.49 13.73
CA VAL A 175 16.84 15.34 12.97
C VAL A 175 17.51 16.66 12.61
N LYS A 176 16.72 17.70 12.34
CA LYS A 176 17.31 18.99 11.99
C LYS A 176 18.01 19.64 13.18
N SER A 177 17.39 19.54 14.37
CA SER A 177 17.99 20.12 15.56
C SER A 177 19.27 19.38 15.91
N TRP A 178 19.25 18.05 15.83
CA TRP A 178 20.44 17.29 16.14
C TRP A 178 21.52 17.48 15.07
N TRP A 179 21.10 17.80 13.85
CA TRP A 179 22.03 18.04 12.75
C TRP A 179 22.88 19.27 13.11
N GLU A 180 22.24 20.28 13.69
CA GLU A 180 22.97 21.49 14.09
C GLU A 180 23.96 21.16 15.19
N LYS A 181 23.53 20.38 16.19
CA LYS A 181 24.41 20.01 17.28
C LYS A 181 25.55 19.15 16.73
N GLY A 182 25.25 18.39 15.69
CA GLY A 182 26.24 17.51 15.09
C GLY A 182 27.42 18.20 14.44
N LYS A 183 27.36 19.52 14.32
CA LYS A 183 28.47 20.25 13.72
C LYS A 183 29.63 20.24 14.70
N SER A 184 29.31 19.97 15.97
CA SER A 184 30.32 19.92 17.02
C SER A 184 31.13 18.63 16.92
N PRO A 185 32.39 18.68 17.39
CA PRO A 185 33.29 17.51 17.36
C PRO A 185 32.87 16.46 18.38
N ARG A 186 32.24 16.92 19.46
CA ARG A 186 31.81 16.04 20.54
C ARG A 186 30.45 15.38 20.29
N VAL A 187 29.87 15.64 19.12
CA VAL A 187 28.58 15.05 18.75
C VAL A 187 28.74 14.38 17.38
N LEU A 188 28.85 13.06 17.36
CA LEU A 188 29.01 12.32 16.12
C LEU A 188 27.65 12.06 15.48
N PHE A 189 27.44 12.58 14.28
CA PHE A 189 26.16 12.42 13.56
C PHE A 189 26.27 11.28 12.54
N LEU A 190 25.50 10.22 12.75
CA LEU A 190 25.52 9.04 11.87
C LEU A 190 24.19 8.76 11.19
N PHE A 191 24.26 8.02 10.08
CA PHE A 191 23.08 7.63 9.32
C PHE A 191 22.94 6.11 9.25
N TYR A 192 21.73 5.63 9.51
CA TYR A 192 21.42 4.20 9.46
C TYR A 192 21.86 3.61 8.12
N GLU A 193 21.54 4.34 7.05
CA GLU A 193 21.86 3.90 5.69
C GLU A 193 23.37 3.75 5.47
N ASP A 194 24.15 4.56 6.17
CA ASP A 194 25.61 4.50 6.05
C ASP A 194 26.11 3.22 6.72
N LEU A 195 25.48 2.84 7.82
CA LEU A 195 25.85 1.61 8.52
C LEU A 195 25.51 0.42 7.63
N LYS A 196 24.42 0.52 6.88
CA LYS A 196 24.01 -0.56 5.97
C LYS A 196 24.98 -0.67 4.80
N GLU A 197 25.33 0.48 4.22
CA GLU A 197 26.21 0.53 3.06
C GLU A 197 27.65 0.12 3.30
N ASP A 198 28.24 0.58 4.40
CA ASP A 198 29.63 0.26 4.70
C ASP A 198 29.84 0.25 6.20
N ILE A 199 29.40 -0.84 6.84
CA ILE A 199 29.52 -0.97 8.29
C ILE A 199 30.96 -0.82 8.77
N ARG A 200 31.92 -1.36 8.03
CA ARG A 200 33.31 -1.26 8.44
C ARG A 200 33.74 0.21 8.62
N LYS A 201 33.40 1.04 7.64
CA LYS A 201 33.76 2.47 7.70
C LYS A 201 33.14 3.14 8.95
N GLU A 202 31.88 2.86 9.23
CA GLU A 202 31.23 3.48 10.37
C GLU A 202 31.75 2.96 11.70
N VAL A 203 32.06 1.67 11.76
CA VAL A 203 32.59 1.09 12.99
C VAL A 203 33.96 1.72 13.29
N ILE A 204 34.80 1.86 12.27
CA ILE A 204 36.11 2.47 12.47
C ILE A 204 35.93 3.93 12.90
N LYS A 205 34.92 4.59 12.34
CA LYS A 205 34.63 5.99 12.70
C LYS A 205 34.24 6.07 14.18
N LEU A 206 33.43 5.11 14.64
CA LEU A 206 33.01 5.09 16.04
C LEU A 206 34.18 4.81 16.98
N ILE A 207 35.05 3.88 16.57
CA ILE A 207 36.19 3.54 17.40
C ILE A 207 37.06 4.78 17.63
N HIS A 208 37.32 5.54 16.56
CA HIS A 208 38.12 6.75 16.68
C HIS A 208 37.42 7.81 17.53
N PHE A 209 36.11 7.95 17.34
CA PHE A 209 35.35 8.93 18.11
C PHE A 209 35.45 8.61 19.61
N LEU A 210 35.47 7.33 19.93
CA LEU A 210 35.54 6.90 21.31
C LEU A 210 36.98 6.74 21.81
N GLU A 211 37.92 7.22 21.00
CA GLU A 211 39.34 7.17 21.34
C GLU A 211 39.89 5.79 21.69
N ARG A 212 39.57 4.81 20.86
CA ARG A 212 40.05 3.44 21.03
C ARG A 212 40.92 3.07 19.82
N LYS A 213 41.66 1.96 19.94
CA LYS A 213 42.52 1.51 18.85
C LYS A 213 41.77 0.54 17.94
N PRO A 214 41.66 0.87 16.64
CA PRO A 214 40.97 0.04 15.64
C PRO A 214 41.80 -1.09 15.03
N SER A 215 41.78 -2.25 15.66
CA SER A 215 42.53 -3.40 15.15
C SER A 215 41.64 -4.16 14.18
N GLU A 216 42.25 -4.89 13.26
CA GLU A 216 41.49 -5.66 12.29
C GLU A 216 40.60 -6.68 12.98
N GLU A 217 41.17 -7.36 13.98
CA GLU A 217 40.44 -8.37 14.72
C GLU A 217 39.23 -7.81 15.47
N LEU A 218 39.42 -6.65 16.10
CA LEU A 218 38.33 -6.02 16.84
C LEU A 218 37.21 -5.61 15.89
N VAL A 219 37.56 -4.97 14.80
CA VAL A 219 36.57 -4.53 13.83
C VAL A 219 35.80 -5.72 13.29
N ASP A 220 36.51 -6.80 12.97
CA ASP A 220 35.86 -8.00 12.45
C ASP A 220 34.86 -8.58 13.43
N ARG A 221 35.22 -8.65 14.71
CA ARG A 221 34.32 -9.20 15.72
C ARG A 221 33.07 -8.33 15.81
N ILE A 222 33.27 -7.03 15.81
CA ILE A 222 32.15 -6.10 15.91
C ILE A 222 31.21 -6.28 14.72
N ILE A 223 31.77 -6.38 13.53
CA ILE A 223 30.94 -6.51 12.34
C ILE A 223 30.01 -7.72 12.33
N HIS A 224 30.52 -8.93 12.58
CA HIS A 224 29.61 -10.06 12.53
C HIS A 224 28.69 -10.13 13.74
N HIS A 225 29.18 -9.71 14.91
CA HIS A 225 28.38 -9.72 16.13
C HIS A 225 27.19 -8.76 16.05
N THR A 226 27.38 -7.61 15.41
CA THR A 226 26.30 -6.64 15.32
C THR A 226 25.53 -6.72 14.02
N SER A 227 25.73 -7.79 13.26
CA SER A 227 24.99 -7.96 12.02
C SER A 227 23.54 -8.25 12.40
N PHE A 228 22.60 -7.90 11.51
CA PHE A 228 21.19 -8.12 11.80
C PHE A 228 20.86 -9.54 12.20
N GLN A 229 21.36 -10.52 11.45
CA GLN A 229 21.04 -11.90 11.77
C GLN A 229 21.53 -12.31 13.15
N GLU A 230 22.74 -11.93 13.52
CA GLU A 230 23.23 -12.29 14.83
C GLU A 230 22.47 -11.59 15.94
N MET A 231 22.19 -10.31 15.77
CA MET A 231 21.47 -9.59 16.82
C MET A 231 20.03 -10.06 16.94
N LYS A 232 19.44 -10.50 15.82
CA LYS A 232 18.07 -11.00 15.84
C LYS A 232 17.99 -12.29 16.65
N ASN A 233 19.07 -13.08 16.61
CA ASN A 233 19.11 -14.35 17.33
C ASN A 233 19.63 -14.22 18.76
N ASN A 234 20.24 -13.08 19.06
CA ASN A 234 20.82 -12.83 20.39
C ASN A 234 19.76 -12.35 21.39
N PRO A 235 19.40 -13.18 22.37
CA PRO A 235 18.39 -12.79 23.37
C PRO A 235 18.80 -11.56 24.20
N SER A 236 20.09 -11.23 24.17
CA SER A 236 20.57 -10.08 24.91
C SER A 236 20.22 -8.79 24.15
N THR A 237 20.09 -8.90 22.83
CA THR A 237 19.79 -7.75 21.98
C THR A 237 18.45 -7.72 21.25
N ASN A 238 17.70 -8.82 21.29
CA ASN A 238 16.43 -8.85 20.56
C ASN A 238 15.17 -8.63 21.39
N TYR A 239 15.36 -8.18 22.63
CA TYR A 239 14.25 -7.87 23.53
C TYR A 239 13.26 -9.01 23.82
N THR A 240 13.60 -10.24 23.43
CA THR A 240 12.70 -11.37 23.64
C THR A 240 12.55 -11.81 25.09
N THR A 241 13.36 -11.28 26.00
CA THR A 241 13.23 -11.66 27.40
C THR A 241 12.01 -10.95 27.99
N LEU A 242 11.52 -9.93 27.28
CA LEU A 242 10.33 -9.21 27.73
C LEU A 242 9.08 -10.01 27.45
N PRO A 243 8.14 -10.03 28.41
CA PRO A 243 6.90 -10.79 28.22
C PRO A 243 6.04 -10.20 27.10
N ASP A 244 5.20 -11.05 26.51
CA ASP A 244 4.33 -10.64 25.42
C ASP A 244 3.39 -9.49 25.77
N GLU A 245 3.06 -9.33 27.05
CA GLU A 245 2.18 -8.24 27.47
C GLU A 245 2.89 -6.91 27.34
N ILE A 246 4.21 -6.96 27.30
CA ILE A 246 5.04 -5.77 27.18
C ILE A 246 5.44 -5.57 25.72
N MET A 247 6.02 -6.61 25.14
CA MET A 247 6.41 -6.58 23.73
C MET A 247 5.96 -7.88 23.10
N ASN A 248 4.85 -7.84 22.36
CA ASN A 248 4.31 -9.04 21.72
C ASN A 248 4.98 -9.27 20.38
N GLN A 249 6.16 -9.86 20.41
CA GLN A 249 6.90 -10.12 19.19
C GLN A 249 6.28 -11.19 18.30
N LYS A 250 5.18 -11.77 18.74
CA LYS A 250 4.49 -12.76 17.92
C LYS A 250 3.78 -11.97 16.81
N LEU A 251 3.38 -10.75 17.13
CA LEU A 251 2.72 -9.89 16.14
C LEU A 251 3.78 -9.32 15.21
N SER A 252 4.87 -8.84 15.80
CA SER A 252 5.97 -8.28 15.03
C SER A 252 7.24 -8.30 15.88
N PRO A 253 8.32 -8.90 15.36
CA PRO A 253 9.56 -8.93 16.14
C PRO A 253 10.27 -7.59 16.18
N PHE A 254 11.04 -7.37 17.24
CA PHE A 254 11.78 -6.12 17.39
C PHE A 254 12.77 -6.05 16.23
N MET A 255 13.47 -7.15 15.98
CA MET A 255 14.40 -7.22 14.85
C MET A 255 13.51 -7.70 13.72
N ARG A 256 12.81 -6.75 13.09
CA ARG A 256 11.85 -7.01 12.03
C ARG A 256 12.45 -7.40 10.68
N LYS A 257 13.10 -6.47 10.00
CA LYS A 257 13.70 -6.76 8.70
C LYS A 257 15.14 -6.27 8.61
N GLY A 258 15.41 -5.12 9.23
CA GLY A 258 16.75 -4.57 9.23
C GLY A 258 17.32 -4.16 7.89
N ILE A 259 16.48 -3.60 7.02
CA ILE A 259 16.96 -3.16 5.71
C ILE A 259 16.62 -1.69 5.48
N THR A 260 17.09 -1.17 4.36
CA THR A 260 16.78 0.20 3.97
C THR A 260 15.91 0.01 2.74
N GLY A 261 14.77 0.68 2.72
CA GLY A 261 13.87 0.58 1.59
C GLY A 261 12.59 -0.20 1.80
N ASP A 262 12.33 -0.66 3.02
CA ASP A 262 11.11 -1.41 3.28
C ASP A 262 9.89 -0.52 3.08
N TRP A 263 10.09 0.79 3.05
CA TRP A 263 8.97 1.70 2.86
C TRP A 263 8.24 1.42 1.54
N LYS A 264 8.98 0.99 0.53
CA LYS A 264 8.38 0.68 -0.77
C LYS A 264 7.34 -0.43 -0.66
N ASN A 265 7.47 -1.27 0.36
CA ASN A 265 6.54 -2.36 0.57
C ASN A 265 5.34 -1.96 1.40
N HIS A 266 5.29 -0.70 1.83
CA HIS A 266 4.16 -0.24 2.65
C HIS A 266 3.45 1.01 2.15
N PHE A 267 4.20 1.98 1.63
CA PHE A 267 3.59 3.19 1.12
C PHE A 267 2.90 2.91 -0.22
N THR A 268 1.66 3.36 -0.37
CA THR A 268 0.99 3.20 -1.65
C THR A 268 1.62 4.30 -2.50
N VAL A 269 1.40 4.25 -3.80
CA VAL A 269 1.95 5.27 -4.68
C VAL A 269 1.40 6.64 -4.28
N ALA A 270 0.11 6.69 -3.96
CA ALA A 270 -0.52 7.95 -3.57
C ALA A 270 0.04 8.49 -2.24
N LEU A 271 0.20 7.61 -1.25
CA LEU A 271 0.71 8.05 0.04
C LEU A 271 2.15 8.55 -0.11
N ASN A 272 2.91 7.87 -0.96
CA ASN A 272 4.30 8.24 -1.19
C ASN A 272 4.38 9.65 -1.80
N GLU A 273 3.55 9.89 -2.80
CA GLU A 273 3.51 11.20 -3.45
C GLU A 273 3.16 12.30 -2.44
N LYS A 274 2.19 12.04 -1.58
CA LYS A 274 1.78 13.01 -0.58
C LYS A 274 2.91 13.25 0.42
N PHE A 275 3.50 12.16 0.88
CA PHE A 275 4.59 12.24 1.84
C PHE A 275 5.78 13.01 1.29
N ASP A 276 6.18 12.72 0.05
CA ASP A 276 7.31 13.42 -0.55
C ASP A 276 7.07 14.92 -0.65
N LYS A 277 5.84 15.32 -0.97
CA LYS A 277 5.51 16.73 -1.09
C LYS A 277 5.65 17.40 0.28
N HIS A 278 5.09 16.76 1.30
CA HIS A 278 5.14 17.27 2.68
C HIS A 278 6.58 17.30 3.16
N TYR A 279 7.34 16.25 2.85
CA TYR A 279 8.73 16.15 3.25
C TYR A 279 9.55 17.33 2.71
N GLU A 280 9.39 17.61 1.42
CA GLU A 280 10.12 18.70 0.78
C GLU A 280 9.88 20.03 1.49
N GLN A 281 8.63 20.28 1.89
CA GLN A 281 8.30 21.53 2.57
C GLN A 281 8.97 21.58 3.94
N GLN A 282 9.01 20.43 4.60
CA GLN A 282 9.62 20.34 5.92
C GLN A 282 11.15 20.41 5.90
N MET A 283 11.77 19.87 4.87
CA MET A 283 13.24 19.82 4.81
C MET A 283 13.97 20.70 3.80
N LYS A 284 13.24 21.37 2.92
CA LYS A 284 13.87 22.20 1.89
C LYS A 284 14.96 23.13 2.39
N GLU A 285 14.77 23.70 3.58
CA GLU A 285 15.75 24.62 4.14
C GLU A 285 16.76 23.91 5.04
N SER A 286 17.29 22.79 4.57
CA SER A 286 18.26 22.03 5.34
C SER A 286 19.33 21.37 4.49
N THR A 287 20.57 21.38 4.99
CA THR A 287 21.67 20.76 4.29
C THR A 287 21.74 19.28 4.62
N LEU A 288 20.89 18.85 5.54
CA LEU A 288 20.84 17.45 5.93
C LEU A 288 20.14 16.68 4.81
N LYS A 289 20.80 15.65 4.28
CA LYS A 289 20.21 14.87 3.21
C LYS A 289 20.21 13.38 3.53
N PHE A 290 19.06 12.73 3.29
CA PHE A 290 18.92 11.30 3.55
C PHE A 290 18.83 10.52 2.26
N ARG A 291 18.98 9.19 2.39
CA ARG A 291 18.87 8.28 1.26
C ARG A 291 17.79 7.26 1.62
N THR A 292 16.87 7.02 0.70
CA THR A 292 15.79 6.06 0.96
C THR A 292 16.03 4.75 0.21
N SER B 3 -5.60 -19.91 0.32
CA SER B 3 -5.38 -21.31 -0.17
C SER B 3 -5.67 -21.41 -1.66
N GLU B 4 -4.68 -21.88 -2.42
CA GLU B 4 -4.82 -22.03 -3.86
C GLU B 4 -5.95 -22.99 -4.18
N LEU B 5 -6.04 -24.08 -3.42
CA LEU B 5 -7.07 -25.09 -3.62
C LEU B 5 -8.46 -24.47 -3.59
N ASP B 6 -8.74 -23.70 -2.54
CA ASP B 6 -10.03 -23.05 -2.39
C ASP B 6 -10.26 -22.01 -3.49
N TYR B 7 -9.18 -21.36 -3.91
CA TYR B 7 -9.26 -20.34 -4.95
C TYR B 7 -9.78 -20.91 -6.27
N TYR B 8 -9.12 -21.93 -6.79
CA TYR B 8 -9.52 -22.53 -8.05
C TYR B 8 -10.74 -23.42 -7.99
N GLU B 9 -11.18 -23.76 -6.79
CA GLU B 9 -12.35 -24.61 -6.63
C GLU B 9 -13.58 -23.94 -7.24
N LYS B 10 -13.55 -22.60 -7.30
CA LYS B 10 -14.66 -21.82 -7.85
C LYS B 10 -14.58 -21.73 -9.37
N PHE B 11 -13.42 -22.06 -9.93
CA PHE B 11 -13.22 -21.95 -11.36
C PHE B 11 -12.96 -23.24 -12.13
N GLU B 12 -13.11 -23.15 -13.40
CA GLU B 12 -12.85 -24.21 -14.35
C GLU B 12 -12.41 -23.65 -15.70
N GLU B 13 -11.37 -24.16 -16.26
CA GLU B 13 -10.87 -23.62 -17.51
C GLU B 13 -11.71 -24.09 -18.69
N VAL B 14 -11.93 -23.17 -19.63
CA VAL B 14 -12.65 -23.47 -20.85
C VAL B 14 -11.79 -22.88 -21.97
N HIS B 15 -11.32 -23.73 -22.86
CA HIS B 15 -10.47 -23.31 -23.97
C HIS B 15 -9.27 -22.48 -23.51
N GLY B 16 -8.68 -22.86 -22.38
CA GLY B 16 -7.51 -22.15 -21.89
C GLY B 16 -7.70 -21.00 -20.92
N ILE B 17 -8.93 -20.54 -20.73
CA ILE B 17 -9.13 -19.44 -19.79
C ILE B 17 -9.95 -19.84 -18.59
N LEU B 18 -9.54 -19.35 -17.42
CA LEU B 18 -10.24 -19.63 -16.18
C LEU B 18 -11.65 -19.05 -16.32
N MET B 19 -12.65 -19.76 -15.82
CA MET B 19 -14.03 -19.31 -15.93
C MET B 19 -14.86 -19.75 -14.74
N TYR B 20 -15.91 -18.98 -14.43
CA TYR B 20 -16.80 -19.32 -13.32
C TYR B 20 -17.34 -20.71 -13.62
N LYS B 21 -17.16 -21.64 -12.71
CA LYS B 21 -17.54 -23.03 -12.89
C LYS B 21 -18.96 -23.16 -13.43
N ASP B 22 -19.92 -22.43 -12.91
CA ASP B 22 -21.30 -22.55 -13.36
C ASP B 22 -21.50 -22.26 -14.84
N PHE B 23 -20.77 -21.27 -15.37
CA PHE B 23 -20.90 -20.92 -16.78
C PHE B 23 -20.48 -22.09 -17.68
N VAL B 24 -19.34 -22.68 -17.34
CA VAL B 24 -18.76 -23.79 -18.11
C VAL B 24 -19.69 -24.98 -18.29
N LYS B 25 -20.49 -25.28 -17.27
CA LYS B 25 -21.42 -26.39 -17.35
C LYS B 25 -22.32 -26.33 -18.57
N TYR B 26 -22.65 -25.12 -19.01
CA TYR B 26 -23.54 -24.94 -20.16
C TYR B 26 -22.86 -24.32 -21.37
N TRP B 27 -21.54 -24.39 -21.43
CA TRP B 27 -20.79 -23.78 -22.52
C TRP B 27 -21.15 -24.16 -23.95
N ASP B 28 -21.63 -25.38 -24.17
CA ASP B 28 -22.01 -25.77 -25.52
C ASP B 28 -23.08 -24.83 -26.08
N ASN B 29 -23.96 -24.37 -25.20
CA ASN B 29 -25.04 -23.46 -25.60
C ASN B 29 -24.48 -22.12 -26.06
N VAL B 30 -23.38 -21.71 -25.44
CA VAL B 30 -22.73 -20.46 -25.79
C VAL B 30 -22.08 -20.55 -27.17
N GLU B 31 -21.30 -21.61 -27.38
CA GLU B 31 -20.61 -21.80 -28.65
C GLU B 31 -21.59 -21.98 -29.81
N ALA B 32 -22.75 -22.56 -29.53
CA ALA B 32 -23.76 -22.80 -30.56
C ALA B 32 -24.73 -21.63 -30.70
N PHE B 33 -24.51 -20.56 -29.95
CA PHE B 33 -25.41 -19.42 -30.00
C PHE B 33 -25.64 -18.92 -31.42
N GLN B 34 -26.89 -18.61 -31.71
CA GLN B 34 -27.28 -18.12 -33.03
C GLN B 34 -27.46 -16.61 -33.03
N ALA B 35 -26.53 -15.92 -33.67
CA ALA B 35 -26.58 -14.47 -33.76
C ALA B 35 -27.42 -14.03 -34.95
N ARG B 36 -27.82 -12.76 -34.92
CA ARG B 36 -28.60 -12.17 -36.01
C ARG B 36 -27.76 -11.02 -36.57
N PRO B 37 -27.91 -10.70 -37.86
CA PRO B 37 -27.18 -9.63 -38.54
C PRO B 37 -27.14 -8.29 -37.80
N ASP B 38 -28.26 -7.92 -37.18
CA ASP B 38 -28.29 -6.64 -36.49
C ASP B 38 -28.00 -6.70 -34.99
N ASP B 39 -27.43 -7.82 -34.53
CA ASP B 39 -27.05 -7.95 -33.12
C ASP B 39 -25.91 -6.98 -32.88
N LEU B 40 -25.87 -6.38 -31.71
CA LEU B 40 -24.80 -5.48 -31.34
C LEU B 40 -24.11 -6.09 -30.13
N VAL B 41 -22.83 -6.34 -30.26
CA VAL B 41 -22.09 -6.93 -29.16
C VAL B 41 -21.26 -5.90 -28.41
N ILE B 42 -21.39 -5.89 -27.09
CA ILE B 42 -20.61 -5.01 -26.24
C ILE B 42 -19.69 -5.97 -25.49
N ALA B 43 -18.40 -5.93 -25.85
CA ALA B 43 -17.41 -6.80 -25.24
C ALA B 43 -16.42 -6.02 -24.37
N THR B 44 -16.07 -6.61 -23.23
CA THR B 44 -15.14 -5.98 -22.31
C THR B 44 -14.46 -7.02 -21.45
N TYR B 45 -13.29 -6.67 -20.94
CA TYR B 45 -12.63 -7.55 -19.98
C TYR B 45 -13.42 -7.11 -18.72
N PRO B 46 -13.59 -8.00 -17.74
CA PRO B 46 -14.34 -7.61 -16.54
C PRO B 46 -13.89 -6.31 -15.86
N LYS B 47 -14.88 -5.55 -15.38
CA LYS B 47 -14.67 -4.30 -14.63
C LYS B 47 -14.05 -3.15 -15.40
N SER B 48 -14.30 -3.10 -16.70
CA SER B 48 -13.73 -2.05 -17.55
C SER B 48 -14.73 -0.96 -17.94
N GLY B 49 -15.93 -0.99 -17.36
CA GLY B 49 -16.94 0.01 -17.66
C GLY B 49 -18.09 -0.51 -18.52
N THR B 50 -18.26 -1.82 -18.52
CA THR B 50 -19.30 -2.48 -19.29
C THR B 50 -20.68 -1.88 -19.07
N THR B 51 -21.04 -1.74 -17.80
CA THR B 51 -22.35 -1.20 -17.42
C THR B 51 -22.52 0.22 -17.94
N TRP B 52 -21.47 1.02 -17.80
CA TRP B 52 -21.49 2.40 -18.25
C TRP B 52 -21.78 2.51 -19.74
N VAL B 53 -20.97 1.84 -20.56
CA VAL B 53 -21.15 1.93 -22.00
C VAL B 53 -22.44 1.24 -22.45
N SER B 54 -22.89 0.24 -21.69
CA SER B 54 -24.13 -0.47 -22.02
C SER B 54 -25.32 0.48 -21.90
N GLU B 55 -25.34 1.28 -20.85
CA GLU B 55 -26.44 2.23 -20.65
C GLU B 55 -26.38 3.31 -21.72
N ILE B 56 -25.17 3.73 -22.08
CA ILE B 56 -25.02 4.75 -23.13
C ILE B 56 -25.63 4.22 -24.42
N VAL B 57 -25.28 2.98 -24.78
CA VAL B 57 -25.78 2.37 -25.99
C VAL B 57 -27.29 2.18 -25.94
N TYR B 58 -27.81 1.77 -24.78
CA TYR B 58 -29.25 1.56 -24.65
C TYR B 58 -29.99 2.87 -24.88
N MET B 59 -29.46 3.95 -24.31
CA MET B 59 -30.08 5.28 -24.47
C MET B 59 -30.10 5.67 -25.93
N ILE B 60 -29.04 5.33 -26.67
CA ILE B 60 -28.97 5.68 -28.08
C ILE B 60 -30.06 4.92 -28.83
N TYR B 61 -30.21 3.63 -28.51
CA TYR B 61 -31.23 2.82 -29.15
C TYR B 61 -32.63 3.34 -28.83
N LYS B 62 -32.81 3.88 -27.62
CA LYS B 62 -34.11 4.40 -27.21
C LYS B 62 -34.25 5.90 -27.42
N GLU B 63 -33.39 6.47 -28.25
CA GLU B 63 -33.42 7.90 -28.55
C GLU B 63 -33.42 8.79 -27.31
N GLY B 64 -32.73 8.35 -26.25
CA GLY B 64 -32.64 9.14 -25.03
C GLY B 64 -33.83 9.06 -24.08
N ASP B 65 -34.77 8.15 -24.35
CA ASP B 65 -35.94 8.02 -23.50
C ASP B 65 -35.57 7.33 -22.19
N VAL B 66 -35.34 8.13 -21.16
CA VAL B 66 -34.96 7.60 -19.85
C VAL B 66 -35.97 6.62 -19.28
N GLU B 67 -37.26 6.90 -19.47
CA GLU B 67 -38.32 6.03 -18.97
C GLU B 67 -38.22 4.61 -19.53
N LYS B 68 -37.80 4.51 -20.79
CA LYS B 68 -37.65 3.22 -21.44
C LYS B 68 -36.44 2.44 -20.94
N CYS B 69 -35.40 3.16 -20.52
CA CYS B 69 -34.19 2.53 -20.01
C CYS B 69 -34.38 1.96 -18.61
N LYS B 70 -35.52 2.26 -17.99
CA LYS B 70 -35.80 1.78 -16.65
C LYS B 70 -36.93 0.76 -16.61
N GLU B 71 -37.43 0.37 -17.78
CA GLU B 71 -38.51 -0.61 -17.86
C GLU B 71 -38.10 -1.94 -17.24
N ASP B 72 -36.79 -2.19 -17.19
CA ASP B 72 -36.27 -3.42 -16.59
C ASP B 72 -34.81 -3.14 -16.19
N VAL B 73 -34.25 -4.04 -15.38
CA VAL B 73 -32.86 -3.87 -14.94
C VAL B 73 -31.94 -4.07 -16.14
N ILE B 74 -30.76 -3.46 -16.07
CA ILE B 74 -29.81 -3.55 -17.16
C ILE B 74 -29.43 -4.97 -17.56
N PHE B 75 -29.23 -5.86 -16.59
CA PHE B 75 -28.85 -7.22 -16.96
C PHE B 75 -29.97 -8.02 -17.63
N ASN B 76 -31.15 -7.40 -17.75
CA ASN B 76 -32.27 -8.04 -18.44
C ASN B 76 -32.43 -7.35 -19.79
N ARG B 77 -32.17 -6.05 -19.82
CA ARG B 77 -32.26 -5.27 -21.06
C ARG B 77 -31.14 -5.65 -22.00
N ILE B 78 -29.96 -5.91 -21.43
CA ILE B 78 -28.77 -6.29 -22.20
C ILE B 78 -28.23 -7.58 -21.58
N PRO B 79 -28.69 -8.73 -22.08
CA PRO B 79 -28.28 -10.05 -21.60
C PRO B 79 -26.78 -10.30 -21.60
N PHE B 80 -26.32 -10.95 -20.54
CA PHE B 80 -24.92 -11.32 -20.33
C PHE B 80 -24.81 -12.68 -21.01
N LEU B 81 -24.44 -12.66 -22.29
CA LEU B 81 -24.31 -13.85 -23.14
C LEU B 81 -23.93 -15.19 -22.51
N GLU B 82 -22.69 -15.30 -22.03
CA GLU B 82 -22.21 -16.56 -21.48
C GLU B 82 -22.62 -16.88 -20.04
N CYS B 83 -23.34 -15.96 -19.40
CA CYS B 83 -23.77 -16.16 -18.03
C CYS B 83 -24.98 -17.09 -17.85
N ARG B 84 -24.86 -18.02 -16.91
CA ARG B 84 -25.92 -18.95 -16.58
C ARG B 84 -25.58 -19.70 -15.28
N ASN B 90 -29.84 -16.70 -17.14
CA ASN B 90 -29.55 -17.45 -18.36
C ASN B 90 -29.51 -16.50 -19.56
N GLY B 91 -28.32 -15.98 -19.84
CA GLY B 91 -28.17 -15.05 -20.95
C GLY B 91 -28.58 -15.55 -22.32
N VAL B 92 -28.17 -16.77 -22.65
CA VAL B 92 -28.51 -17.35 -23.96
C VAL B 92 -30.01 -17.41 -24.14
N LYS B 93 -30.71 -17.85 -23.09
CA LYS B 93 -32.17 -17.95 -23.14
C LYS B 93 -32.80 -16.58 -23.33
N GLN B 94 -32.38 -15.60 -22.54
CA GLN B 94 -32.93 -14.25 -22.65
C GLN B 94 -32.78 -13.74 -24.08
N LEU B 95 -31.59 -13.98 -24.66
CA LEU B 95 -31.33 -13.52 -26.02
C LEU B 95 -32.16 -14.28 -27.05
N ASP B 96 -32.20 -15.61 -26.93
CA ASP B 96 -32.99 -16.41 -27.87
C ASP B 96 -34.44 -15.94 -27.87
N GLU B 97 -34.94 -15.55 -26.70
CA GLU B 97 -36.32 -15.10 -26.55
C GLU B 97 -36.51 -13.61 -26.73
N MET B 98 -35.46 -12.91 -27.14
CA MET B 98 -35.54 -11.46 -27.32
C MET B 98 -35.74 -11.03 -28.77
N ASN B 99 -36.49 -9.95 -28.95
CA ASN B 99 -36.76 -9.40 -30.27
C ASN B 99 -35.60 -8.52 -30.69
N SER B 100 -35.36 -8.45 -31.99
CA SER B 100 -34.26 -7.63 -32.51
C SER B 100 -34.71 -6.18 -32.57
N PRO B 101 -33.76 -5.24 -32.54
CA PRO B 101 -32.31 -5.46 -32.46
C PRO B 101 -31.88 -5.81 -31.04
N ARG B 102 -31.01 -6.81 -30.91
CA ARG B 102 -30.53 -7.24 -29.61
C ARG B 102 -29.17 -6.66 -29.26
N ILE B 103 -28.98 -6.33 -27.98
CA ILE B 103 -27.71 -5.81 -27.50
C ILE B 103 -27.18 -6.92 -26.58
N VAL B 104 -25.98 -7.40 -26.91
CA VAL B 104 -25.36 -8.49 -26.19
C VAL B 104 -24.11 -8.12 -25.39
N LYS B 105 -24.14 -8.41 -24.09
CA LYS B 105 -22.98 -8.16 -23.25
C LYS B 105 -22.14 -9.43 -23.17
N THR B 106 -20.82 -9.27 -23.19
CA THR B 106 -19.92 -10.42 -23.09
C THR B 106 -18.54 -9.95 -22.64
N HIS B 107 -17.79 -10.86 -22.03
CA HIS B 107 -16.42 -10.57 -21.59
C HIS B 107 -15.49 -11.53 -22.31
N LEU B 108 -15.99 -12.23 -23.32
CA LEU B 108 -15.17 -13.20 -24.03
C LEU B 108 -14.09 -12.62 -24.94
N PRO B 109 -12.93 -13.30 -25.00
CA PRO B 109 -11.85 -12.84 -25.88
C PRO B 109 -12.43 -13.09 -27.28
N PRO B 110 -11.91 -12.40 -28.31
CA PRO B 110 -12.42 -12.57 -29.68
C PRO B 110 -12.42 -14.01 -30.17
N GLU B 111 -11.38 -14.75 -29.78
CA GLU B 111 -11.24 -16.14 -30.21
C GLU B 111 -12.34 -17.04 -29.69
N LEU B 112 -12.97 -16.65 -28.59
CA LEU B 112 -14.03 -17.46 -28.01
C LEU B 112 -15.44 -16.94 -28.24
N LEU B 113 -15.56 -15.79 -28.91
CA LEU B 113 -16.88 -15.24 -29.19
C LEU B 113 -17.59 -16.26 -30.10
N PRO B 114 -18.86 -16.57 -29.82
CA PRO B 114 -19.55 -17.54 -30.67
C PRO B 114 -19.35 -17.25 -32.16
N ALA B 115 -18.98 -18.28 -32.89
CA ALA B 115 -18.73 -18.17 -34.32
C ALA B 115 -19.80 -17.42 -35.12
N SER B 116 -21.06 -17.59 -34.73
CA SER B 116 -22.16 -16.94 -35.42
C SER B 116 -22.01 -15.42 -35.54
N PHE B 117 -21.50 -14.76 -34.49
CA PHE B 117 -21.32 -13.31 -34.54
C PHE B 117 -20.34 -12.90 -35.63
N TRP B 118 -19.25 -13.66 -35.78
CA TRP B 118 -18.26 -13.32 -36.81
C TRP B 118 -18.82 -13.63 -38.19
N GLU B 119 -19.51 -14.77 -38.29
CA GLU B 119 -20.09 -15.19 -39.56
C GLU B 119 -21.10 -14.18 -40.09
N LYS B 120 -21.84 -13.56 -39.19
CA LYS B 120 -22.82 -12.57 -39.61
C LYS B 120 -22.26 -11.16 -39.62
N ASP B 121 -20.97 -11.05 -39.28
CA ASP B 121 -20.27 -9.77 -39.26
C ASP B 121 -20.98 -8.69 -38.46
N CYS B 122 -21.43 -9.05 -37.26
CA CYS B 122 -22.13 -8.11 -36.39
C CYS B 122 -21.24 -6.97 -35.92
N LYS B 123 -21.86 -5.84 -35.62
CA LYS B 123 -21.13 -4.70 -35.10
C LYS B 123 -20.74 -5.04 -33.67
N ILE B 124 -19.54 -4.63 -33.28
CA ILE B 124 -19.05 -4.90 -31.93
C ILE B 124 -18.43 -3.66 -31.35
N ILE B 125 -18.72 -3.39 -30.08
CA ILE B 125 -18.11 -2.26 -29.38
C ILE B 125 -17.25 -2.90 -28.31
N TYR B 126 -15.97 -2.57 -28.30
CA TYR B 126 -15.09 -3.11 -27.29
C TYR B 126 -14.62 -1.97 -26.41
N LEU B 127 -14.72 -2.15 -25.10
CA LEU B 127 -14.27 -1.12 -24.16
C LEU B 127 -13.18 -1.69 -23.26
N CYS B 128 -12.04 -0.99 -23.19
CA CYS B 128 -10.96 -1.43 -22.34
C CYS B 128 -10.62 -0.33 -21.34
N ARG B 129 -9.92 -0.71 -20.28
CA ARG B 129 -9.56 0.23 -19.22
C ARG B 129 -8.13 -0.15 -18.81
N ASN B 130 -7.38 0.81 -18.28
CA ASN B 130 -6.01 0.47 -17.87
C ASN B 130 -5.97 -0.68 -16.86
N ALA B 131 -4.99 -1.56 -17.03
CA ALA B 131 -4.84 -2.76 -16.21
C ALA B 131 -4.85 -2.57 -14.70
N LYS B 132 -4.15 -1.54 -14.22
CA LYS B 132 -4.08 -1.27 -12.79
C LYS B 132 -5.44 -0.97 -12.17
N ASP B 133 -6.23 -0.12 -12.84
CA ASP B 133 -7.56 0.21 -12.33
C ASP B 133 -8.51 -0.96 -12.46
N VAL B 134 -8.34 -1.76 -13.50
CA VAL B 134 -9.17 -2.94 -13.68
C VAL B 134 -8.89 -3.90 -12.51
N ALA B 135 -7.62 -4.06 -12.19
CA ALA B 135 -7.22 -4.95 -11.10
C ALA B 135 -7.88 -4.55 -9.77
N VAL B 136 -7.92 -3.25 -9.49
CA VAL B 136 -8.52 -2.76 -8.27
C VAL B 136 -10.02 -3.02 -8.27
N SER B 137 -10.67 -2.68 -9.37
CA SER B 137 -12.11 -2.86 -9.49
C SER B 137 -12.48 -4.34 -9.39
N PHE B 138 -11.67 -5.20 -10.00
CA PHE B 138 -11.89 -6.64 -10.00
C PHE B 138 -11.67 -7.21 -8.59
N TYR B 139 -10.70 -6.64 -7.87
CA TYR B 139 -10.39 -7.08 -6.52
C TYR B 139 -11.60 -6.91 -5.60
N TYR B 140 -12.24 -5.75 -5.65
CA TYR B 140 -13.42 -5.51 -4.83
C TYR B 140 -14.60 -6.33 -5.31
N PHE B 141 -14.61 -6.65 -6.61
CA PHE B 141 -15.68 -7.44 -7.18
C PHE B 141 -15.61 -8.83 -6.54
N PHE B 142 -14.39 -9.36 -6.39
CA PHE B 142 -14.17 -10.68 -5.78
C PHE B 142 -14.72 -10.71 -4.36
N LEU B 143 -14.43 -9.65 -3.59
CA LEU B 143 -14.87 -9.57 -2.21
C LEU B 143 -16.38 -9.48 -2.02
N MET B 144 -17.02 -8.78 -2.94
CA MET B 144 -18.46 -8.53 -2.85
C MET B 144 -19.39 -9.47 -3.62
N VAL B 145 -18.89 -10.08 -4.68
CA VAL B 145 -19.72 -10.95 -5.50
C VAL B 145 -19.61 -12.45 -5.24
N ALA B 146 -20.77 -13.11 -5.15
CA ALA B 146 -20.81 -14.55 -4.91
C ALA B 146 -20.19 -15.26 -6.10
N GLY B 147 -19.70 -16.47 -5.87
CA GLY B 147 -19.08 -17.23 -6.94
C GLY B 147 -17.58 -16.99 -7.01
N HIS B 148 -17.11 -15.98 -6.28
CA HIS B 148 -15.69 -15.67 -6.25
C HIS B 148 -15.05 -16.17 -4.96
N PRO B 149 -13.80 -16.64 -5.04
CA PRO B 149 -13.12 -17.11 -3.84
C PRO B 149 -12.50 -15.88 -3.18
N ASN B 150 -11.89 -16.06 -2.01
CA ASN B 150 -11.24 -14.94 -1.34
C ASN B 150 -10.08 -14.54 -2.26
N PRO B 151 -10.03 -13.28 -2.70
CA PRO B 151 -8.95 -12.82 -3.59
C PRO B 151 -7.58 -12.75 -2.93
N GLY B 152 -7.55 -12.94 -1.62
CA GLY B 152 -6.29 -12.86 -0.89
C GLY B 152 -5.98 -11.40 -0.65
N SER B 153 -4.75 -11.08 -0.28
CA SER B 153 -4.38 -9.69 -0.06
C SER B 153 -4.33 -9.06 -1.45
N PHE B 154 -4.27 -7.73 -1.51
CA PHE B 154 -4.21 -7.07 -2.82
C PHE B 154 -2.98 -7.50 -3.60
N PRO B 155 -1.81 -7.58 -2.94
CA PRO B 155 -0.62 -7.99 -3.68
C PRO B 155 -0.79 -9.39 -4.25
N GLU B 156 -1.42 -10.27 -3.46
CA GLU B 156 -1.66 -11.64 -3.89
C GLU B 156 -2.60 -11.66 -5.10
N PHE B 157 -3.66 -10.85 -5.04
CA PHE B 157 -4.60 -10.79 -6.15
C PHE B 157 -3.92 -10.25 -7.41
N VAL B 158 -3.11 -9.21 -7.26
CA VAL B 158 -2.41 -8.63 -8.41
C VAL B 158 -1.50 -9.67 -9.07
N GLU B 159 -0.94 -10.57 -8.26
CA GLU B 159 -0.08 -11.62 -8.81
C GLU B 159 -0.96 -12.52 -9.68
N LYS B 160 -2.15 -12.85 -9.18
CA LYS B 160 -3.08 -13.68 -9.92
C LYS B 160 -3.42 -12.98 -11.23
N PHE B 161 -3.72 -11.68 -11.14
CA PHE B 161 -4.07 -10.88 -12.31
C PHE B 161 -2.94 -10.90 -13.34
N MET B 162 -1.71 -10.66 -12.90
CA MET B 162 -0.58 -10.66 -13.83
C MET B 162 -0.43 -11.99 -14.55
N GLN B 163 -0.77 -13.08 -13.87
CA GLN B 163 -0.65 -14.41 -14.46
C GLN B 163 -1.90 -14.85 -15.20
N GLY B 164 -2.90 -13.97 -15.26
CA GLY B 164 -4.14 -14.30 -15.95
C GLY B 164 -4.95 -15.37 -15.23
N GLN B 165 -4.68 -15.55 -13.95
CA GLN B 165 -5.39 -16.56 -13.16
C GLN B 165 -6.62 -15.97 -12.48
N VAL B 166 -7.50 -15.40 -13.30
CA VAL B 166 -8.75 -14.81 -12.85
C VAL B 166 -9.77 -15.08 -13.94
N PRO B 167 -11.07 -14.92 -13.64
CA PRO B 167 -12.09 -15.17 -14.67
C PRO B 167 -11.81 -14.41 -15.96
N TYR B 168 -11.89 -15.14 -17.07
CA TYR B 168 -11.66 -14.60 -18.42
C TYR B 168 -10.20 -14.51 -18.82
N GLY B 169 -9.33 -15.02 -17.94
CA GLY B 169 -7.92 -15.04 -18.23
C GLY B 169 -7.12 -13.76 -18.29
N SER B 170 -6.07 -13.80 -19.10
CA SER B 170 -5.16 -12.70 -19.26
C SER B 170 -5.74 -11.43 -19.86
N TRP B 171 -5.73 -10.36 -19.07
CA TRP B 171 -6.21 -9.05 -19.50
C TRP B 171 -5.36 -8.65 -20.71
N TYR B 172 -4.05 -8.93 -20.60
CA TYR B 172 -3.10 -8.59 -21.65
C TYR B 172 -3.47 -9.25 -22.99
N LYS B 173 -3.75 -10.56 -22.97
CA LYS B 173 -4.12 -11.23 -24.21
C LYS B 173 -5.49 -10.75 -24.69
N HIS B 174 -6.38 -10.47 -23.75
CA HIS B 174 -7.73 -10.03 -24.05
C HIS B 174 -7.71 -8.71 -24.82
N VAL B 175 -7.06 -7.70 -24.26
CA VAL B 175 -7.01 -6.40 -24.92
C VAL B 175 -6.17 -6.38 -26.21
N LYS B 176 -5.12 -7.18 -26.25
CA LYS B 176 -4.30 -7.22 -27.46
C LYS B 176 -5.05 -7.86 -28.63
N SER B 177 -5.79 -8.93 -28.35
CA SER B 177 -6.55 -9.60 -29.40
C SER B 177 -7.67 -8.71 -29.90
N TRP B 178 -8.37 -8.05 -28.99
CA TRP B 178 -9.47 -7.18 -29.38
C TRP B 178 -8.95 -5.93 -30.10
N TRP B 179 -7.74 -5.51 -29.77
CA TRP B 179 -7.12 -4.34 -30.42
C TRP B 179 -6.95 -4.67 -31.91
N GLU B 180 -6.52 -5.90 -32.18
CA GLU B 180 -6.35 -6.33 -33.57
C GLU B 180 -7.70 -6.32 -34.29
N LYS B 181 -8.73 -6.84 -33.63
CA LYS B 181 -10.07 -6.84 -34.23
C LYS B 181 -10.54 -5.41 -34.42
N GLY B 182 -10.13 -4.53 -33.51
CA GLY B 182 -10.53 -3.13 -33.56
C GLY B 182 -10.03 -2.37 -34.76
N LYS B 183 -9.06 -2.93 -35.48
CA LYS B 183 -8.55 -2.24 -36.66
C LYS B 183 -9.65 -2.17 -37.70
N SER B 184 -10.62 -3.08 -37.59
CA SER B 184 -11.74 -3.11 -38.52
C SER B 184 -12.76 -2.04 -38.13
N PRO B 185 -13.36 -1.37 -39.13
CA PRO B 185 -14.35 -0.33 -38.83
C PRO B 185 -15.61 -0.90 -38.19
N ARG B 186 -15.75 -2.22 -38.25
CA ARG B 186 -16.92 -2.93 -37.72
C ARG B 186 -16.83 -3.17 -36.21
N VAL B 187 -15.64 -2.99 -35.65
CA VAL B 187 -15.41 -3.19 -34.23
C VAL B 187 -14.89 -1.89 -33.66
N LEU B 188 -15.73 -1.18 -32.90
CA LEU B 188 -15.35 0.10 -32.32
C LEU B 188 -14.57 -0.11 -31.03
N PHE B 189 -13.29 0.26 -31.04
CA PHE B 189 -12.41 0.10 -29.87
C PHE B 189 -12.38 1.39 -29.04
N LEU B 190 -12.89 1.31 -27.81
CA LEU B 190 -12.97 2.46 -26.91
C LEU B 190 -12.18 2.28 -25.61
N PHE B 191 -11.87 3.41 -24.96
CA PHE B 191 -11.14 3.41 -23.69
C PHE B 191 -11.96 4.08 -22.58
N TYR B 192 -12.00 3.44 -21.42
CA TYR B 192 -12.70 3.97 -20.25
C TYR B 192 -12.19 5.38 -19.95
N GLU B 193 -10.88 5.54 -20.03
CA GLU B 193 -10.22 6.82 -19.76
C GLU B 193 -10.69 7.93 -20.70
N ASP B 194 -11.07 7.56 -21.92
CA ASP B 194 -11.55 8.55 -22.88
C ASP B 194 -12.97 8.98 -22.49
N LEU B 195 -13.77 8.03 -22.03
CA LEU B 195 -15.13 8.34 -21.60
C LEU B 195 -15.05 9.28 -20.39
N LYS B 196 -14.05 9.05 -19.54
CA LYS B 196 -13.85 9.88 -18.35
C LYS B 196 -13.39 11.28 -18.73
N GLU B 197 -12.43 11.39 -19.65
CA GLU B 197 -11.80 12.64 -20.04
C GLU B 197 -12.75 13.51 -20.85
N ASP B 198 -13.55 12.97 -21.75
CA ASP B 198 -14.43 13.77 -22.59
C ASP B 198 -15.60 12.92 -23.05
N ILE B 199 -16.53 12.68 -22.13
CA ILE B 199 -17.69 11.86 -22.42
C ILE B 199 -18.45 12.30 -23.66
N ARG B 200 -18.57 13.60 -23.89
CA ARG B 200 -19.31 14.08 -25.05
C ARG B 200 -18.70 13.56 -26.36
N LYS B 201 -17.38 13.61 -26.46
CA LYS B 201 -16.69 13.14 -27.66
C LYS B 201 -16.97 11.66 -27.92
N GLU B 202 -16.90 10.85 -26.88
CA GLU B 202 -17.14 9.42 -27.03
C GLU B 202 -18.59 9.08 -27.33
N VAL B 203 -19.51 9.83 -26.74
CA VAL B 203 -20.94 9.62 -26.98
C VAL B 203 -21.26 9.91 -28.45
N ILE B 204 -20.75 11.02 -28.96
CA ILE B 204 -21.00 11.38 -30.35
C ILE B 204 -20.41 10.30 -31.27
N LYS B 205 -19.23 9.80 -30.90
CA LYS B 205 -18.57 8.75 -31.67
C LYS B 205 -19.46 7.49 -31.68
N LEU B 206 -20.04 7.17 -30.54
CA LEU B 206 -20.92 6.00 -30.43
C LEU B 206 -22.19 6.19 -31.25
N ILE B 207 -22.76 7.40 -31.23
CA ILE B 207 -23.97 7.66 -32.01
C ILE B 207 -23.70 7.45 -33.50
N HIS B 208 -22.58 7.98 -33.98
CA HIS B 208 -22.21 7.82 -35.39
C HIS B 208 -21.93 6.36 -35.72
N PHE B 209 -21.23 5.67 -34.82
CA PHE B 209 -20.93 4.25 -35.03
C PHE B 209 -22.21 3.44 -35.18
N LEU B 210 -23.23 3.82 -34.42
CA LEU B 210 -24.49 3.12 -34.45
C LEU B 210 -25.44 3.66 -35.50
N GLU B 211 -24.89 4.41 -36.43
CA GLU B 211 -25.64 4.99 -37.54
C GLU B 211 -26.90 5.72 -37.10
N ARG B 212 -26.80 6.46 -36.00
CA ARG B 212 -27.93 7.22 -35.48
C ARG B 212 -27.68 8.70 -35.72
N LYS B 213 -28.77 9.47 -35.78
CA LYS B 213 -28.67 10.91 -35.99
C LYS B 213 -28.37 11.60 -34.67
N PRO B 214 -27.22 12.27 -34.58
CA PRO B 214 -26.89 12.96 -33.33
C PRO B 214 -27.66 14.26 -33.21
N SER B 215 -28.03 14.61 -31.98
CA SER B 215 -28.75 15.84 -31.70
C SER B 215 -28.26 16.29 -30.33
N GLU B 216 -28.32 17.60 -30.08
CA GLU B 216 -27.88 18.10 -28.79
C GLU B 216 -28.72 17.50 -27.68
N GLU B 217 -30.02 17.35 -27.93
CA GLU B 217 -30.91 16.78 -26.91
C GLU B 217 -30.48 15.37 -26.55
N LEU B 218 -30.22 14.55 -27.57
CA LEU B 218 -29.82 13.18 -27.32
C LEU B 218 -28.53 13.16 -26.52
N VAL B 219 -27.54 13.92 -26.99
CA VAL B 219 -26.25 13.97 -26.31
C VAL B 219 -26.40 14.48 -24.88
N ASP B 220 -27.16 15.55 -24.71
CA ASP B 220 -27.40 16.12 -23.37
C ASP B 220 -27.99 15.07 -22.43
N ARG B 221 -29.03 14.38 -22.87
CA ARG B 221 -29.68 13.37 -22.06
C ARG B 221 -28.75 12.23 -21.66
N ILE B 222 -27.98 11.73 -22.62
CA ILE B 222 -27.07 10.64 -22.34
C ILE B 222 -26.01 11.04 -21.31
N ILE B 223 -25.39 12.18 -21.53
CA ILE B 223 -24.36 12.66 -20.60
C ILE B 223 -24.91 12.82 -19.18
N HIS B 224 -26.12 13.34 -19.06
CA HIS B 224 -26.72 13.52 -17.74
C HIS B 224 -27.10 12.18 -17.11
N HIS B 225 -27.81 11.36 -17.88
CA HIS B 225 -28.29 10.06 -17.42
C HIS B 225 -27.21 9.03 -17.11
N THR B 226 -26.09 9.07 -17.83
CA THR B 226 -25.04 8.08 -17.60
C THR B 226 -23.88 8.51 -16.71
N SER B 227 -24.07 9.56 -15.92
CA SER B 227 -23.02 10.00 -15.00
C SER B 227 -22.93 8.97 -13.87
N PHE B 228 -21.77 8.90 -13.23
CA PHE B 228 -21.56 7.95 -12.14
C PHE B 228 -22.62 8.06 -11.04
N GLN B 229 -22.83 9.27 -10.54
CA GLN B 229 -23.80 9.52 -9.48
C GLN B 229 -25.20 9.05 -9.86
N GLU B 230 -25.64 9.39 -11.06
CA GLU B 230 -26.96 8.99 -11.52
C GLU B 230 -27.08 7.47 -11.60
N MET B 231 -26.12 6.84 -12.25
CA MET B 231 -26.15 5.39 -12.40
C MET B 231 -25.96 4.67 -11.06
N LYS B 232 -25.27 5.32 -10.13
CA LYS B 232 -25.05 4.73 -8.81
C LYS B 232 -26.33 4.72 -7.99
N ASN B 233 -27.21 5.69 -8.27
CA ASN B 233 -28.48 5.80 -7.55
C ASN B 233 -29.65 5.17 -8.31
N ASN B 234 -29.41 4.83 -9.58
CA ASN B 234 -30.42 4.22 -10.44
C ASN B 234 -30.46 2.71 -10.19
N PRO B 235 -31.55 2.20 -9.59
CA PRO B 235 -31.68 0.77 -9.31
C PRO B 235 -31.67 -0.11 -10.55
N SER B 236 -31.93 0.48 -11.71
CA SER B 236 -31.94 -0.27 -12.96
C SER B 236 -30.52 -0.58 -13.42
N THR B 237 -29.56 0.23 -12.96
CA THR B 237 -28.16 0.07 -13.36
C THR B 237 -27.14 -0.22 -12.27
N ASN B 238 -27.52 -0.10 -11.01
CA ASN B 238 -26.57 -0.33 -9.91
C ASN B 238 -26.55 -1.73 -9.31
N TYR B 239 -27.28 -2.65 -9.94
CA TYR B 239 -27.34 -4.04 -9.49
C TYR B 239 -27.85 -4.24 -8.05
N THR B 240 -28.48 -3.22 -7.48
CA THR B 240 -28.99 -3.34 -6.11
C THR B 240 -30.20 -4.29 -5.98
N THR B 241 -30.88 -4.56 -7.08
CA THR B 241 -32.04 -5.45 -7.03
C THR B 241 -31.62 -6.87 -6.67
N LEU B 242 -30.34 -7.17 -6.85
CA LEU B 242 -29.83 -8.49 -6.54
C LEU B 242 -29.65 -8.61 -5.02
N PRO B 243 -30.09 -9.73 -4.43
CA PRO B 243 -29.96 -9.91 -2.98
C PRO B 243 -28.50 -9.98 -2.53
N ASP B 244 -28.26 -9.59 -1.28
CA ASP B 244 -26.91 -9.59 -0.72
C ASP B 244 -26.21 -10.93 -0.92
N GLU B 245 -26.97 -12.01 -0.88
CA GLU B 245 -26.41 -13.35 -1.06
C GLU B 245 -25.75 -13.44 -2.44
N ILE B 246 -26.36 -12.79 -3.42
CA ILE B 246 -25.85 -12.78 -4.79
C ILE B 246 -24.78 -11.71 -4.95
N MET B 247 -25.10 -10.49 -4.51
CA MET B 247 -24.16 -9.38 -4.61
C MET B 247 -24.24 -8.52 -3.35
N ASN B 248 -23.35 -8.80 -2.39
CA ASN B 248 -23.31 -8.08 -1.12
C ASN B 248 -22.66 -6.71 -1.26
N GLN B 249 -23.43 -5.72 -1.68
CA GLN B 249 -22.92 -4.37 -1.87
C GLN B 249 -22.68 -3.60 -0.58
N LYS B 250 -22.87 -4.25 0.55
CA LYS B 250 -22.63 -3.62 1.85
C LYS B 250 -21.12 -3.69 2.07
N LEU B 251 -20.51 -4.69 1.45
CA LEU B 251 -19.07 -4.89 1.55
C LEU B 251 -18.36 -3.92 0.59
N SER B 252 -18.91 -3.80 -0.62
CA SER B 252 -18.37 -2.91 -1.65
C SER B 252 -19.43 -2.77 -2.74
N PRO B 253 -19.88 -1.54 -3.02
CA PRO B 253 -20.89 -1.30 -4.04
C PRO B 253 -20.39 -1.54 -5.48
N PHE B 254 -21.31 -1.88 -6.38
CA PHE B 254 -20.96 -2.13 -7.77
C PHE B 254 -20.43 -0.81 -8.33
N MET B 255 -21.18 0.26 -8.09
CA MET B 255 -20.77 1.60 -8.52
C MET B 255 -19.92 2.06 -7.35
N ARG B 256 -18.65 1.65 -7.36
CA ARG B 256 -17.69 1.94 -6.31
C ARG B 256 -17.15 3.37 -6.25
N LYS B 257 -16.33 3.75 -7.24
CA LYS B 257 -15.76 5.09 -7.30
C LYS B 257 -15.93 5.73 -8.67
N GLY B 258 -15.78 4.92 -9.71
CA GLY B 258 -15.95 5.43 -11.07
C GLY B 258 -14.95 6.48 -11.48
N ILE B 259 -13.69 6.31 -11.08
CA ILE B 259 -12.64 7.26 -11.44
C ILE B 259 -11.48 6.55 -12.14
N THR B 260 -10.52 7.34 -12.60
CA THR B 260 -9.34 6.77 -13.22
C THR B 260 -8.21 7.10 -12.26
N GLY B 261 -7.37 6.12 -11.96
CA GLY B 261 -6.26 6.36 -11.07
C GLY B 261 -6.40 5.84 -9.65
N ASP B 262 -7.48 5.14 -9.34
CA ASP B 262 -7.64 4.62 -7.99
C ASP B 262 -6.53 3.63 -7.68
N TRP B 263 -5.85 3.14 -8.72
CA TRP B 263 -4.77 2.19 -8.48
C TRP B 263 -3.70 2.78 -7.58
N LYS B 264 -3.51 4.10 -7.63
CA LYS B 264 -2.50 4.74 -6.78
C LYS B 264 -2.81 4.62 -5.29
N ASN B 265 -4.08 4.39 -4.96
CA ASN B 265 -4.48 4.25 -3.56
C ASN B 265 -4.37 2.81 -3.09
N HIS B 266 -4.01 1.90 -3.98
CA HIS B 266 -3.91 0.50 -3.59
C HIS B 266 -2.56 -0.17 -3.83
N PHE B 267 -1.88 0.20 -4.91
CA PHE B 267 -0.57 -0.38 -5.21
C PHE B 267 0.53 0.25 -4.37
N THR B 268 1.34 -0.57 -3.73
CA THR B 268 2.46 -0.03 -2.98
C THR B 268 3.47 0.33 -4.06
N VAL B 269 4.50 1.11 -3.70
CA VAL B 269 5.52 1.50 -4.65
C VAL B 269 6.21 0.25 -5.22
N ALA B 270 6.44 -0.73 -4.37
CA ALA B 270 7.09 -1.98 -4.77
C ALA B 270 6.23 -2.78 -5.75
N LEU B 271 4.95 -2.98 -5.41
CA LEU B 271 4.06 -3.74 -6.27
C LEU B 271 3.89 -3.02 -7.60
N ASN B 272 3.81 -1.70 -7.56
CA ASN B 272 3.66 -0.92 -8.77
C ASN B 272 4.86 -1.12 -9.68
N GLU B 273 6.06 -1.10 -9.09
CA GLU B 273 7.28 -1.30 -9.86
C GLU B 273 7.31 -2.69 -10.50
N LYS B 274 6.90 -3.70 -9.74
CA LYS B 274 6.87 -5.06 -10.23
C LYS B 274 5.85 -5.22 -11.36
N PHE B 275 4.69 -4.62 -11.17
CA PHE B 275 3.61 -4.68 -12.15
C PHE B 275 4.02 -4.02 -13.46
N ASP B 276 4.63 -2.83 -13.37
CA ASP B 276 5.05 -2.10 -14.55
C ASP B 276 6.08 -2.87 -15.36
N LYS B 277 6.99 -3.55 -14.67
CA LYS B 277 8.03 -4.32 -15.35
C LYS B 277 7.37 -5.45 -16.13
N HIS B 278 6.44 -6.13 -15.47
CA HIS B 278 5.72 -7.23 -16.10
C HIS B 278 4.87 -6.73 -17.26
N TYR B 279 4.25 -5.56 -17.05
CA TYR B 279 3.41 -4.95 -18.07
C TYR B 279 4.17 -4.71 -19.37
N GLU B 280 5.39 -4.19 -19.25
CA GLU B 280 6.22 -3.91 -20.42
C GLU B 280 6.50 -5.18 -21.21
N GLN B 281 6.85 -6.26 -20.52
CA GLN B 281 7.14 -7.54 -21.16
C GLN B 281 5.93 -8.07 -21.93
N GLN B 282 4.74 -7.77 -21.42
CA GLN B 282 3.50 -8.23 -22.02
C GLN B 282 2.96 -7.34 -23.15
N MET B 283 3.21 -6.03 -23.04
CA MET B 283 2.66 -5.07 -24.00
C MET B 283 3.57 -4.26 -24.92
N LYS B 284 4.87 -4.24 -24.68
CA LYS B 284 5.75 -3.42 -25.51
C LYS B 284 5.71 -3.66 -27.02
N GLU B 285 5.28 -4.84 -27.46
CA GLU B 285 5.21 -5.10 -28.90
C GLU B 285 3.89 -4.68 -29.52
N SER B 286 2.91 -4.29 -28.69
CA SER B 286 1.61 -3.87 -29.21
C SER B 286 1.54 -2.37 -29.45
N THR B 287 0.78 -1.97 -30.47
CA THR B 287 0.64 -0.54 -30.78
C THR B 287 -0.45 0.05 -29.87
N LEU B 288 -1.11 -0.81 -29.10
CA LEU B 288 -2.16 -0.37 -28.18
C LEU B 288 -1.49 0.43 -27.07
N LYS B 289 -1.98 1.65 -26.84
CA LYS B 289 -1.41 2.51 -25.81
C LYS B 289 -2.49 3.04 -24.88
N PHE B 290 -2.23 2.95 -23.57
CA PHE B 290 -3.17 3.39 -22.55
C PHE B 290 -2.85 4.73 -21.91
N ARG B 291 -3.36 4.85 -20.69
CA ARG B 291 -3.20 6.00 -19.81
C ARG B 291 -3.71 5.56 -18.45
N THR B 292 -2.84 5.62 -17.44
CA THR B 292 -3.19 5.23 -16.09
C THR B 292 -3.46 6.48 -15.26
P1 A3P C . 12.93 -2.43 11.09
O1P A3P C . 12.80 -1.65 9.84
O2P A3P C . 13.36 -3.81 10.81
O3P A3P C . 11.66 -2.42 11.89
P2 A3P C . 15.60 0.93 17.35
O4P A3P C . 14.35 0.76 18.11
O5P A3P C . 16.01 2.35 17.31
O6P A3P C . 16.67 0.06 17.86
O5' A3P C . 15.31 0.53 15.85
C5' A3P C . 14.81 -0.74 15.47
C4' A3P C . 15.07 -0.89 13.97
O4' A3P C . 16.49 -1.12 13.78
C3' A3P C . 14.36 -2.08 13.33
O3' A3P C . 14.05 -1.72 11.98
C2' A3P C . 15.41 -3.16 13.45
O2' A3P C . 15.25 -4.29 12.62
C1' A3P C . 16.67 -2.35 13.10
N9 A3P C . 17.89 -3.01 13.52
C8 A3P C . 18.25 -3.44 14.78
N7 A3P C . 19.42 -4.03 14.84
C5 A3P C . 19.86 -3.99 13.52
C6 A3P C . 21.07 -4.48 12.88
N6 A3P C . 22.05 -5.10 13.53
N1 A3P C . 21.19 -4.27 11.53
C2 A3P C . 20.21 -3.64 10.85
N3 A3P C . 19.04 -3.15 11.34
C4 A3P C . 18.93 -3.37 12.69
CL1 PCQ D . 10.69 4.80 21.86
CL2 PCQ D . 13.03 0.12 23.54
O1 PCQ D . 12.90 2.68 21.96
C1 PCQ D . 9.51 1.89 24.54
C2 PCQ D . 9.57 3.15 23.66
C3 PCQ D . 10.69 3.39 22.82
C4 PCQ D . 11.81 2.48 22.76
C5 PCQ D . 11.73 1.27 23.60
C6 PCQ D . 10.64 1.00 24.44
CL3 PCQ D . 6.50 -1.69 26.96
CL4 PCQ D . 5.42 3.61 27.52
O1' PCQ D . 4.96 0.73 28.00
C1' PCQ D . 8.33 1.61 25.44
C2' PCQ D . 7.97 0.25 25.78
C3' PCQ D . 6.86 -0.04 26.63
C4' PCQ D . 6.03 0.99 27.19
C5' PCQ D . 6.39 2.35 26.86
C6' PCQ D . 7.50 2.66 26.01
C1 EDO E . 5.22 13.63 40.21
O1 EDO E . 4.97 14.52 41.44
C2 EDO E . 4.98 12.14 40.43
O2 EDO E . 3.51 11.81 40.01
C1 EDO F . -3.67 16.22 25.26
O1 EDO F . -4.29 17.28 26.18
C2 EDO F . -2.21 15.89 25.58
O2 EDO F . -1.48 15.49 24.24
C1 EDO G . 17.19 25.01 16.04
O1 EDO G . 15.80 24.81 16.66
C2 EDO G . 17.78 23.76 15.38
O2 EDO G . 16.82 23.27 14.25
C1 EDO H . 22.43 -17.77 15.73
O1 EDO H . 23.26 -16.52 16.08
C2 EDO H . 22.25 -18.78 16.88
O2 EDO H . 21.83 -20.15 16.25
P1 A3P I . -14.62 1.00 -10.00
O1P A3P I . -13.22 1.40 -10.22
O2P A3P I . -15.37 2.06 -9.31
O3P A3P I . -14.69 -0.28 -9.26
P2 A3P I . -18.19 -3.18 -15.27
O4P A3P I . -18.30 -4.30 -14.32
O5P A3P I . -17.49 -3.60 -16.50
O6P A3P I . -19.51 -2.61 -15.58
O5' A3P I . -17.30 -2.04 -14.59
C5' A3P I . -17.51 -1.56 -13.27
C4' A3P I . -16.65 -0.32 -13.08
O4' A3P I . -17.20 0.76 -13.89
C3' A3P I . -16.59 0.21 -11.65
O3' A3P I . -15.28 0.77 -11.44
C2' A3P I . -17.72 1.22 -11.67
O2' A3P I . -17.76 2.18 -10.63
C1' A3P I . -17.47 1.87 -13.04
N9 A3P I . -18.62 2.63 -13.52
C8 A3P I . -19.92 2.24 -13.65
N7 A3P I . -20.72 3.18 -14.09
C5 A3P I . -19.89 4.27 -14.27
C6 A3P I . -20.11 5.62 -14.73
N6 A3P I . -21.32 6.08 -15.10
N1 A3P I . -19.04 6.47 -14.78
C2 A3P I . -17.82 6.02 -14.41
N3 A3P I . -17.49 4.78 -13.96
C4 A3P I . -18.57 3.95 -13.92
CL1 PCQ J . -17.51 -10.87 -14.98
CL2 PCQ J . -22.28 -8.31 -13.90
O1 PCQ J . -19.65 -8.61 -15.25
C1 PCQ J . -20.71 -11.82 -12.54
C2 PCQ J . -19.37 -11.84 -13.30
C3 PCQ J . -19.04 -10.78 -14.17
C4 PCQ J . -19.93 -9.65 -14.41
C5 PCQ J . -21.18 -9.64 -13.68
C6 PCQ J . -21.56 -10.68 -12.79
CL3 PCQ J . -23.39 -13.31 -8.28
CL4 PCQ J . -20.40 -16.93 -11.02
O1' PCQ J . -22.23 -16.07 -8.86
C1' PCQ J . -21.10 -12.93 -11.59
C2' PCQ J . -21.97 -12.68 -10.46
C3' PCQ J . -22.35 -13.71 -9.57
C4' PCQ J . -21.88 -15.07 -9.71
C5' PCQ J . -21.00 -15.33 -10.81
C6' PCQ J . -20.61 -14.30 -11.74
#